data_4EJD
#
_entry.id   4EJD
#
_cell.length_a   28.820
_cell.length_b   65.630
_cell.length_c   92.930
_cell.angle_alpha   90.000
_cell.angle_beta   90.000
_cell.angle_gamma   90.000
#
_symmetry.space_group_name_H-M   'P 21 21 21'
#
loop_
_entity.id
_entity.type
_entity.pdbx_description
1 polymer Protease
2 polymer pepstatin
3 non-polymer BETA-MERCAPTOETHANOL
4 non-polymer '1H-indole-6-carboxylic acid'
5 non-polymer GLYCEROL
6 water water
#
loop_
_entity_poly.entity_id
_entity_poly.type
_entity_poly.pdbx_seq_one_letter_code
_entity_poly.pdbx_strand_id
1 'polypeptide(L)'
;PQITLWKRPLVTIKIGGQLKEALLDTGADDTVLEEMNLPGRWKPKMIGGIGGFIKVRQYDQILIEICGHKAIGTVLVGPT
PVNIIGRNLLTQIGCTLNF
;
A,B
2 'polypeptide(L)' (IVA)VV(STA)A(STA) C
#
# COMPACT_ATOMS: atom_id res chain seq x y z
N PRO A 1 -9.42 0.99 -16.28
CA PRO A 1 -8.09 1.16 -16.85
C PRO A 1 -7.09 0.10 -16.38
N GLN A 2 -5.95 0.04 -17.07
CA GLN A 2 -4.80 -0.73 -16.63
C GLN A 2 -3.70 0.24 -16.22
N ILE A 3 -3.23 0.08 -15.01
CA ILE A 3 -2.28 1.00 -14.41
C ILE A 3 -0.99 0.24 -14.13
N THR A 4 0.08 0.60 -14.85
CA THR A 4 1.41 0.09 -14.56
C THR A 4 1.98 0.84 -13.34
N LEU A 5 3.09 0.37 -12.81
CA LEU A 5 3.53 0.79 -11.49
C LEU A 5 4.92 1.44 -11.51
N TRP A 6 5.31 1.99 -12.66
CA TRP A 6 6.57 2.70 -12.77
C TRP A 6 6.58 4.00 -12.03
N LYS A 7 5.41 4.55 -11.73
CA LYS A 7 5.24 5.70 -10.84
C LYS A 7 4.08 5.40 -9.89
N ARG A 8 3.89 6.25 -8.88
CA ARG A 8 2.82 6.02 -7.90
C ARG A 8 1.47 6.01 -8.60
N PRO A 9 0.58 5.07 -8.24
CA PRO A 9 -0.73 4.98 -8.87
C PRO A 9 -1.74 5.96 -8.28
N LEU A 10 -1.53 7.22 -8.59
CA LEU A 10 -2.42 8.30 -8.20
C LEU A 10 -3.53 8.45 -9.22
N VAL A 11 -4.77 8.59 -8.74
CA VAL A 11 -5.92 8.73 -9.60
C VAL A 11 -6.83 9.83 -9.08
N THR A 12 -7.72 10.31 -9.95
CA THR A 12 -8.75 11.27 -9.57
C THR A 12 -9.86 10.57 -8.80
N ILE A 13 -10.29 11.21 -7.71
CA ILE A 13 -11.45 10.80 -6.95
C ILE A 13 -12.39 11.98 -6.79
N LYS A 14 -13.64 11.68 -6.49
CA LYS A 14 -14.62 12.72 -6.15
C LYS A 14 -15.27 12.31 -4.84
N ILE A 15 -15.19 13.21 -3.86
CA ILE A 15 -15.76 12.96 -2.55
C ILE A 15 -16.19 14.29 -1.97
N GLY A 16 -17.37 14.30 -1.37
CA GLY A 16 -17.94 15.53 -0.85
C GLY A 16 -18.16 16.57 -1.93
N GLY A 17 -18.35 16.11 -3.15
CA GLY A 17 -18.57 17.01 -4.27
C GLY A 17 -17.30 17.66 -4.80
N GLN A 18 -16.14 17.24 -4.29
CA GLN A 18 -14.85 17.84 -4.65
C GLN A 18 -13.97 16.81 -5.36
N LEU A 19 -13.27 17.26 -6.40
CA LEU A 19 -12.27 16.44 -7.04
C LEU A 19 -10.96 16.52 -6.29
N LYS A 20 -10.39 15.36 -6.00
CA LYS A 20 -9.15 15.23 -5.28
C LYS A 20 -8.32 14.18 -6.02
N GLU A 21 -7.13 13.89 -5.52
CA GLU A 21 -6.35 12.78 -6.07
C GLU A 21 -5.86 11.92 -4.92
N ALA A 22 -5.73 10.64 -5.19
CA ALA A 22 -5.43 9.68 -4.15
C ALA A 22 -4.66 8.50 -4.72
N LEU A 23 -3.89 7.85 -3.85
CA LEU A 23 -3.03 6.73 -4.19
C LEU A 23 -3.79 5.43 -4.01
N LEU A 24 -3.85 4.63 -5.07
CA LEU A 24 -4.45 3.29 -4.95
C LEU A 24 -3.46 2.34 -4.28
N ASP A 25 -3.79 1.92 -3.05
CA ASP A 25 -2.82 1.21 -2.21
C ASP A 25 -3.34 -0.16 -1.79
N THR A 26 -2.84 -1.19 -2.45
CA THR A 26 -3.22 -2.55 -2.09
C THR A 26 -2.67 -2.99 -0.75
N GLY A 27 -1.70 -2.25 -0.21
CA GLY A 27 -1.19 -2.47 1.14
C GLY A 27 -1.88 -1.65 2.21
N ALA A 28 -3.04 -1.10 1.90
CA ALA A 28 -3.85 -0.38 2.86
C ALA A 28 -5.14 -1.11 3.06
N ASP A 29 -5.43 -1.47 4.30
CA ASP A 29 -6.68 -2.16 4.60
C ASP A 29 -7.88 -1.22 4.37
N ASP A 30 -7.66 0.05 4.72
CA ASP A 30 -8.67 1.08 4.79
C ASP A 30 -8.23 2.31 4.02
N THR A 31 -9.20 3.18 3.76
CA THR A 31 -9.06 4.41 3.01
C THR A 31 -8.87 5.55 3.98
N VAL A 32 -7.81 6.35 3.77
CA VAL A 32 -7.51 7.51 4.65
C VAL A 32 -7.23 8.73 3.80
N LEU A 33 -8.01 9.77 4.06
CA LEU A 33 -7.90 11.03 3.36
C LEU A 33 -7.51 12.15 4.30
N GLU A 34 -6.86 13.17 3.75
N GLU A 34 -7.16 13.25 3.65
CA GLU A 34 -6.56 14.40 4.49
CA GLU A 34 -6.90 14.51 4.28
C GLU A 34 -7.86 15.14 4.93
C GLU A 34 -8.06 14.96 5.12
N GLU A 35 -7.76 15.87 6.04
CA GLU A 35 -8.83 16.59 6.70
C GLU A 35 -9.86 17.21 5.76
N MET A 36 -11.12 16.84 6.00
CA MET A 36 -12.26 17.40 5.29
C MET A 36 -13.50 17.13 6.14
N ASN A 37 -14.57 17.86 5.91
CA ASN A 37 -15.85 17.48 6.47
C ASN A 37 -16.58 16.51 5.57
N LEU A 38 -17.27 15.57 6.20
CA LEU A 38 -18.11 14.61 5.51
C LEU A 38 -19.45 14.53 6.24
N PRO A 39 -20.49 14.08 5.54
CA PRO A 39 -21.78 13.95 6.20
C PRO A 39 -21.80 12.86 7.28
N GLY A 40 -22.70 13.03 8.23
CA GLY A 40 -22.97 12.00 9.21
C GLY A 40 -22.12 12.20 10.44
N ARG A 41 -22.14 11.19 11.29
CA ARG A 41 -21.39 11.20 12.51
C ARG A 41 -20.14 10.36 12.34
N TRP A 42 -19.04 10.76 12.96
CA TRP A 42 -17.82 9.99 12.92
C TRP A 42 -17.58 9.31 14.26
N LYS A 43 -16.70 8.30 14.24
CA LYS A 43 -16.19 7.71 15.47
C LYS A 43 -14.68 7.68 15.41
N PRO A 44 -14.03 7.77 16.57
CA PRO A 44 -12.57 7.74 16.58
C PRO A 44 -12.02 6.36 16.26
N LYS A 45 -10.93 6.33 15.50
CA LYS A 45 -10.21 5.12 15.15
C LYS A 45 -8.71 5.41 15.13
N MET A 46 -7.93 4.38 15.42
N MET A 46 -7.93 4.35 15.26
N MET A 46 -7.89 4.39 15.37
CA MET A 46 -6.47 4.37 15.22
CA MET A 46 -6.48 4.43 15.19
CA MET A 46 -6.47 4.53 15.15
C MET A 46 -6.16 3.54 13.98
C MET A 46 -5.99 3.48 14.12
C MET A 46 -5.98 3.51 14.14
N ILE A 47 -5.17 3.98 13.21
CA ILE A 47 -4.59 3.14 12.19
C ILE A 47 -3.07 3.16 12.29
N GLY A 48 -2.45 2.09 11.83
CA GLY A 48 -1.00 1.96 11.92
C GLY A 48 -0.37 1.89 10.55
N GLY A 49 0.91 2.17 10.52
CA GLY A 49 1.72 1.79 9.39
C GLY A 49 3.17 2.04 9.68
N ILE A 50 3.92 2.38 8.64
CA ILE A 50 5.32 2.65 8.85
C ILE A 50 5.45 3.96 9.65
N GLY A 51 6.24 3.88 10.71
CA GLY A 51 6.51 5.04 11.49
C GLY A 51 5.60 5.20 12.67
N GLY A 52 4.56 4.36 12.77
CA GLY A 52 3.70 4.37 13.92
C GLY A 52 2.24 4.53 13.59
N PHE A 53 1.49 5.03 14.56
CA PHE A 53 0.04 5.09 14.48
C PHE A 53 -0.38 6.52 14.23
N ILE A 54 -1.60 6.68 13.73
CA ILE A 54 -2.26 7.98 13.68
C ILE A 54 -3.71 7.87 14.08
N LYS A 55 -4.21 8.97 14.65
CA LYS A 55 -5.60 9.11 15.01
C LYS A 55 -6.39 9.63 13.83
N VAL A 56 -7.52 9.00 13.56
CA VAL A 56 -8.39 9.39 12.47
C VAL A 56 -9.85 9.45 12.91
N ARG A 57 -10.68 10.10 12.10
CA ARG A 57 -12.13 10.07 12.25
C ARG A 57 -12.67 9.10 11.21
N GLN A 58 -13.50 8.17 11.68
CA GLN A 58 -14.12 7.20 10.80
C GLN A 58 -15.55 7.60 10.45
N TYR A 59 -15.80 7.76 9.15
CA TYR A 59 -17.14 8.02 8.59
C TYR A 59 -17.59 6.80 7.80
N ASP A 60 -18.77 6.29 8.08
CA ASP A 60 -19.27 5.11 7.40
C ASP A 60 -20.23 5.48 6.28
N GLN A 61 -20.32 4.61 5.28
CA GLN A 61 -21.35 4.68 4.23
C GLN A 61 -21.25 6.00 3.44
N ILE A 62 -20.02 6.37 3.09
CA ILE A 62 -19.73 7.57 2.32
C ILE A 62 -19.62 7.23 0.84
N LEU A 63 -20.24 8.07 0.00
CA LEU A 63 -20.15 7.96 -1.45
C LEU A 63 -18.82 8.54 -1.91
N ILE A 64 -18.15 7.81 -2.78
CA ILE A 64 -16.92 8.27 -3.40
C ILE A 64 -16.86 7.74 -4.82
N GLU A 65 -16.33 8.53 -5.74
CA GLU A 65 -16.08 8.04 -7.11
C GLU A 65 -14.58 7.94 -7.27
N ILE A 66 -14.15 6.85 -7.88
CA ILE A 66 -12.75 6.59 -8.12
C ILE A 66 -12.62 6.42 -9.64
N CYS A 67 -12.00 7.38 -10.32
N CYS A 67 -12.08 7.41 -10.32
CA CYS A 67 -12.06 7.45 -11.80
CA CYS A 67 -12.00 7.32 -11.78
C CYS A 67 -13.44 7.21 -12.35
C CYS A 67 -13.42 7.22 -12.37
N GLY A 68 -14.41 7.86 -11.75
CA GLY A 68 -15.77 7.82 -12.25
C GLY A 68 -16.55 6.60 -11.78
N HIS A 69 -15.88 5.65 -11.12
CA HIS A 69 -16.54 4.44 -10.65
C HIS A 69 -17.03 4.65 -9.24
N LYS A 70 -18.33 4.47 -9.01
CA LYS A 70 -18.95 4.74 -7.71
C LYS A 70 -18.65 3.64 -6.71
N ALA A 71 -18.41 4.05 -5.48
CA ALA A 71 -18.34 3.13 -4.35
C ALA A 71 -19.00 3.79 -3.16
N ILE A 72 -19.43 2.97 -2.21
CA ILE A 72 -19.90 3.47 -0.92
C ILE A 72 -19.19 2.67 0.15
N GLY A 73 -18.60 3.33 1.12
CA GLY A 73 -17.96 2.63 2.19
C GLY A 73 -17.35 3.56 3.22
N THR A 74 -16.51 3.00 4.05
CA THR A 74 -15.88 3.73 5.14
C THR A 74 -14.72 4.58 4.66
N VAL A 75 -14.70 5.83 5.09
CA VAL A 75 -13.62 6.74 4.79
C VAL A 75 -13.08 7.25 6.11
N LEU A 76 -11.78 7.12 6.33
CA LEU A 76 -11.10 7.68 7.48
C LEU A 76 -10.50 9.02 7.08
N VAL A 77 -10.51 9.97 7.99
CA VAL A 77 -9.96 11.29 7.73
C VAL A 77 -8.99 11.67 8.84
N GLY A 78 -7.82 12.16 8.47
CA GLY A 78 -6.81 12.53 9.46
C GLY A 78 -5.55 12.99 8.82
N PRO A 79 -4.47 13.09 9.61
CA PRO A 79 -3.27 13.79 9.17
C PRO A 79 -2.33 12.91 8.38
N THR A 80 -2.86 12.31 7.33
CA THR A 80 -2.06 11.53 6.41
C THR A 80 -1.27 12.43 5.48
N PRO A 81 -0.05 11.99 5.09
CA PRO A 81 0.72 12.77 4.13
C PRO A 81 0.24 12.65 2.68
N VAL A 82 -0.60 11.65 2.40
CA VAL A 82 -1.15 11.45 1.05
C VAL A 82 -2.49 10.80 1.20
N ASN A 83 -3.43 11.20 0.36
CA ASN A 83 -4.70 10.51 0.32
C ASN A 83 -4.50 9.07 -0.21
N ILE A 84 -5.11 8.11 0.46
CA ILE A 84 -4.93 6.69 0.17
C ILE A 84 -6.28 5.99 0.05
N ILE A 85 -6.49 5.34 -1.10
CA ILE A 85 -7.62 4.44 -1.29
C ILE A 85 -7.17 3.02 -0.98
N GLY A 86 -7.80 2.41 0.03
CA GLY A 86 -7.44 1.09 0.47
C GLY A 86 -8.41 0.03 -0.02
N ARG A 87 -8.19 -1.20 0.42
CA ARG A 87 -8.88 -2.35 -0.12
C ARG A 87 -10.38 -2.28 0.10
N ASN A 88 -10.82 -1.66 1.19
CA ASN A 88 -12.23 -1.57 1.45
C ASN A 88 -12.99 -0.94 0.30
N LEU A 89 -12.39 0.02 -0.39
CA LEU A 89 -13.01 0.61 -1.58
C LEU A 89 -12.52 0.02 -2.90
N LEU A 90 -11.27 -0.43 -2.97
CA LEU A 90 -10.78 -1.06 -4.20
C LEU A 90 -11.63 -2.24 -4.59
N THR A 91 -12.06 -3.04 -3.60
CA THR A 91 -12.92 -4.18 -3.88
C THR A 91 -14.26 -3.77 -4.50
N GLN A 92 -14.77 -2.60 -4.13
CA GLN A 92 -16.08 -2.16 -4.58
C GLN A 92 -16.11 -1.78 -6.04
N ILE A 93 -14.94 -1.41 -6.58
CA ILE A 93 -14.84 -1.05 -7.97
C ILE A 93 -14.27 -2.21 -8.80
N GLY A 94 -14.05 -3.37 -8.18
CA GLY A 94 -13.56 -4.50 -8.93
C GLY A 94 -12.11 -4.41 -9.35
N CYS A 95 -11.31 -3.75 -8.54
CA CYS A 95 -9.89 -3.65 -8.85
CA CYS A 95 -9.85 -3.64 -8.75
C CYS A 95 -9.14 -4.93 -8.48
N THR A 96 -8.28 -5.37 -9.40
CA THR A 96 -7.46 -6.54 -9.19
C THR A 96 -5.99 -6.25 -9.52
N LEU A 97 -5.10 -7.02 -8.90
CA LEU A 97 -3.70 -7.09 -9.29
C LEU A 97 -3.54 -8.19 -10.33
N ASN A 98 -2.73 -7.92 -11.36
CA ASN A 98 -2.56 -8.85 -12.47
C ASN A 98 -1.10 -8.96 -12.85
N PHE A 99 -0.60 -10.19 -12.92
CA PHE A 99 0.70 -10.47 -13.49
C PHE A 99 0.75 -11.91 -13.98
N PRO B 1 -1.36 -14.52 -12.04
CA PRO B 1 -2.68 -14.55 -11.44
C PRO B 1 -3.41 -13.23 -11.59
N GLN B 2 -4.71 -13.29 -11.30
CA GLN B 2 -5.59 -12.15 -11.15
C GLN B 2 -6.09 -12.21 -9.72
N ILE B 3 -5.64 -11.27 -8.91
CA ILE B 3 -5.82 -11.29 -7.47
C ILE B 3 -6.81 -10.21 -7.05
N THR B 4 -7.92 -10.63 -6.44
CA THR B 4 -8.85 -9.73 -5.82
C THR B 4 -8.33 -9.26 -4.46
N LEU B 5 -9.02 -8.29 -3.87
CA LEU B 5 -8.51 -7.55 -2.73
C LEU B 5 -9.41 -7.63 -1.50
N TRP B 6 -10.20 -8.71 -1.41
CA TRP B 6 -11.06 -8.92 -0.24
C TRP B 6 -10.26 -9.21 1.01
N LYS B 7 -9.08 -9.80 0.85
CA LYS B 7 -8.12 -10.02 1.91
C LYS B 7 -6.78 -9.41 1.48
N ARG B 8 -5.83 -9.35 2.38
CA ARG B 8 -4.52 -8.80 2.05
C ARG B 8 -3.87 -9.65 0.96
N PRO B 9 -3.26 -9.04 -0.06
CA PRO B 9 -2.68 -9.80 -1.16
C PRO B 9 -1.26 -10.30 -0.83
N LEU B 10 -1.22 -11.27 0.07
CA LEU B 10 0.00 -11.93 0.49
C LEU B 10 0.37 -13.00 -0.52
N VAL B 11 1.66 -13.08 -0.84
CA VAL B 11 2.17 -14.08 -1.75
C VAL B 11 3.46 -14.65 -1.22
N THR B 12 3.77 -15.85 -1.68
CA THR B 12 5.00 -16.50 -1.38
C THR B 12 6.16 -15.78 -2.05
N ILE B 13 7.24 -15.55 -1.30
CA ILE B 13 8.49 -15.10 -1.88
C ILE B 13 9.62 -16.02 -1.41
N LYS B 14 10.68 -16.07 -2.20
CA LYS B 14 11.86 -16.83 -1.86
C LYS B 14 13.10 -15.98 -2.04
N ILE B 15 13.93 -15.94 -1.00
CA ILE B 15 15.24 -15.31 -1.06
C ILE B 15 16.27 -16.23 -0.39
N GLY B 16 17.34 -16.58 -1.10
CA GLY B 16 18.42 -17.37 -0.53
C GLY B 16 17.94 -18.64 0.15
N GLY B 17 17.08 -19.38 -0.54
CA GLY B 17 16.51 -20.59 0.04
C GLY B 17 15.77 -20.38 1.36
N GLN B 18 15.24 -19.20 1.58
CA GLN B 18 14.22 -19.02 2.60
C GLN B 18 12.88 -18.68 1.92
N LEU B 19 11.84 -19.45 2.22
CA LEU B 19 10.49 -19.08 1.84
C LEU B 19 9.86 -18.18 2.89
N LYS B 20 9.31 -17.06 2.43
CA LYS B 20 8.65 -16.08 3.29
C LYS B 20 7.33 -15.74 2.62
N GLU B 21 6.60 -14.81 3.20
CA GLU B 21 5.45 -14.26 2.52
C GLU B 21 5.44 -12.75 2.69
N ALA B 22 4.86 -12.06 1.72
CA ALA B 22 4.89 -10.61 1.70
C ALA B 22 3.68 -10.10 0.92
N LEU B 23 3.28 -8.89 1.25
N LEU B 23 3.36 -8.83 1.17
CA LEU B 23 2.12 -8.26 0.65
CA LEU B 23 2.14 -8.20 0.73
C LEU B 23 2.51 -7.51 -0.61
C LEU B 23 2.42 -7.41 -0.55
N LEU B 24 1.76 -7.72 -1.67
CA LEU B 24 1.92 -6.94 -2.89
C LEU B 24 1.31 -5.56 -2.67
N ASP B 25 2.17 -4.54 -2.61
CA ASP B 25 1.82 -3.23 -2.05
C ASP B 25 2.03 -2.10 -3.05
N THR B 26 0.97 -1.75 -3.77
CA THR B 26 1.07 -0.69 -4.78
C THR B 26 1.30 0.68 -4.17
N GLY B 27 1.02 0.85 -2.89
CA GLY B 27 1.28 2.10 -2.18
C GLY B 27 2.67 2.21 -1.59
N ALA B 28 3.56 1.26 -1.91
CA ALA B 28 4.93 1.29 -1.42
C ALA B 28 5.89 1.51 -2.59
N ASP B 29 6.75 2.53 -2.48
CA ASP B 29 7.77 2.72 -3.49
C ASP B 29 8.79 1.57 -3.45
N ASP B 30 9.03 1.06 -2.24
CA ASP B 30 10.14 0.17 -1.91
C ASP B 30 9.61 -1.14 -1.36
N THR B 31 10.49 -2.14 -1.33
CA THR B 31 10.24 -3.45 -0.75
C THR B 31 10.89 -3.47 0.62
N VAL B 32 10.12 -3.86 1.65
CA VAL B 32 10.59 -3.77 3.01
C VAL B 32 10.22 -5.07 3.71
N LEU B 33 11.23 -5.73 4.28
CA LEU B 33 11.05 -6.96 5.04
C LEU B 33 11.50 -6.73 6.48
N GLU B 34 10.95 -7.49 7.43
CA GLU B 34 11.37 -7.35 8.82
C GLU B 34 12.74 -7.93 9.08
N GLU B 35 13.07 -8.99 8.36
CA GLU B 35 14.36 -9.63 8.43
C GLU B 35 14.63 -10.45 7.17
N MET B 36 15.92 -10.62 6.88
CA MET B 36 16.40 -11.63 5.94
C MET B 36 17.46 -12.48 6.63
N ASN B 37 17.66 -13.69 6.13
CA ASN B 37 18.61 -14.63 6.73
C ASN B 37 20.05 -14.31 6.30
N LEU B 38 20.82 -13.76 7.23
CA LEU B 38 22.27 -13.54 7.03
C LEU B 38 22.62 -12.83 5.71
N PRO B 39 22.10 -11.61 5.52
CA PRO B 39 22.24 -10.92 4.22
C PRO B 39 23.52 -10.08 4.04
N GLY B 40 24.28 -9.85 5.11
CA GLY B 40 25.58 -9.17 4.99
C GLY B 40 25.55 -7.64 5.09
N ARG B 41 26.45 -7.00 4.34
CA ARG B 41 26.67 -5.53 4.41
C ARG B 41 25.46 -4.76 3.86
N TRP B 42 25.24 -3.54 4.37
CA TRP B 42 24.09 -2.74 3.98
C TRP B 42 24.40 -1.27 4.13
N LYS B 43 23.57 -0.40 3.55
CA LYS B 43 23.68 1.03 3.82
C LYS B 43 22.39 1.62 4.33
N PRO B 44 22.47 2.65 5.17
CA PRO B 44 21.26 3.20 5.74
C PRO B 44 20.41 3.96 4.71
N LYS B 45 19.11 3.93 4.94
CA LYS B 45 18.15 4.63 4.09
C LYS B 45 17.02 5.07 4.99
N MET B 46 16.46 6.25 4.76
N MET B 46 16.43 6.22 4.67
CA MET B 46 15.25 6.66 5.48
CA MET B 46 15.13 6.78 5.08
C MET B 46 14.04 6.51 4.54
C MET B 46 14.03 6.40 4.43
N ILE B 47 12.94 5.96 5.06
CA ILE B 47 11.65 5.95 4.35
C ILE B 47 10.55 6.44 5.27
N GLY B 48 9.42 6.81 4.67
CA GLY B 48 8.32 7.38 5.39
C GLY B 48 7.06 6.60 5.21
N GLY B 49 6.18 6.78 6.17
CA GLY B 49 4.84 6.24 6.11
C GLY B 49 3.86 7.15 6.81
N ILE B 50 2.65 6.67 6.99
N ILE B 50 2.75 6.54 7.19
CA ILE B 50 1.68 7.50 7.67
CA ILE B 50 1.63 7.29 7.73
C ILE B 50 2.09 7.97 9.06
C ILE B 50 1.93 7.83 9.11
N GLY B 51 2.86 7.17 9.80
CA GLY B 51 3.17 7.52 11.20
C GLY B 51 4.43 8.38 11.41
N GLY B 52 5.25 8.55 10.37
CA GLY B 52 6.55 9.15 10.51
C GLY B 52 7.56 8.45 9.64
N PHE B 53 8.83 8.62 10.00
CA PHE B 53 9.95 8.13 9.23
C PHE B 53 10.72 7.09 10.02
N ILE B 54 11.28 6.12 9.28
CA ILE B 54 12.07 5.06 9.86
C ILE B 54 13.38 4.93 9.09
N LYS B 55 14.41 4.50 9.83
CA LYS B 55 15.70 4.08 9.31
CA LYS B 55 15.64 4.13 9.18
C LYS B 55 15.68 2.61 8.95
N VAL B 56 16.13 2.28 7.75
CA VAL B 56 16.14 0.92 7.30
C VAL B 56 17.50 0.56 6.74
N ARG B 57 17.69 -0.73 6.50
CA ARG B 57 18.94 -1.28 5.98
C ARG B 57 18.73 -1.62 4.51
N GLN B 58 19.49 -0.99 3.63
CA GLN B 58 19.34 -1.17 2.20
C GLN B 58 20.34 -2.20 1.69
N TYR B 59 19.80 -3.21 1.00
CA TYR B 59 20.57 -4.25 0.32
C TYR B 59 20.21 -4.19 -1.17
N ASP B 60 21.22 -4.08 -2.03
CA ASP B 60 21.01 -3.99 -3.47
C ASP B 60 21.29 -5.33 -4.16
N GLN B 61 20.74 -5.48 -5.35
CA GLN B 61 20.99 -6.65 -6.20
C GLN B 61 20.58 -7.95 -5.55
N ILE B 62 19.43 -7.93 -4.89
CA ILE B 62 18.90 -9.14 -4.31
C ILE B 62 18.08 -9.90 -5.33
N LEU B 63 18.38 -11.19 -5.47
CA LEU B 63 17.62 -12.09 -6.30
C LEU B 63 16.44 -12.65 -5.48
N ILE B 64 15.25 -12.44 -5.99
CA ILE B 64 14.02 -12.80 -5.29
C ILE B 64 13.09 -13.50 -6.27
N GLU B 65 12.31 -14.46 -5.78
CA GLU B 65 11.21 -15.03 -6.54
C GLU B 65 9.91 -14.67 -5.84
N ILE B 66 8.98 -14.11 -6.61
CA ILE B 66 7.71 -13.63 -6.09
C ILE B 66 6.63 -14.41 -6.82
N CYS B 67 5.96 -15.32 -6.12
CA CYS B 67 4.95 -16.16 -6.74
CA CYS B 67 5.01 -16.19 -6.79
C CYS B 67 5.58 -16.91 -7.96
N GLY B 68 6.84 -17.30 -7.83
CA GLY B 68 7.51 -18.02 -8.90
C GLY B 68 8.15 -17.15 -9.99
N HIS B 69 7.90 -15.84 -9.93
CA HIS B 69 8.49 -14.93 -10.92
C HIS B 69 9.80 -14.40 -10.39
N LYS B 70 10.85 -14.57 -11.18
CA LYS B 70 12.19 -14.14 -10.81
C LYS B 70 12.36 -12.65 -11.03
N ALA B 71 13.02 -11.99 -10.08
CA ALA B 71 13.31 -10.57 -10.17
C ALA B 71 14.63 -10.29 -9.47
N ILE B 72 15.16 -9.11 -9.71
CA ILE B 72 16.33 -8.61 -9.01
C ILE B 72 16.05 -7.16 -8.63
N GLY B 73 16.41 -6.79 -7.42
CA GLY B 73 16.34 -5.40 -7.02
C GLY B 73 16.70 -5.18 -5.57
N THR B 74 16.44 -3.97 -5.13
CA THR B 74 16.77 -3.55 -3.78
C THR B 74 15.72 -4.02 -2.78
N VAL B 75 16.18 -4.55 -1.66
CA VAL B 75 15.34 -4.95 -0.55
C VAL B 75 15.80 -4.21 0.69
N LEU B 76 14.85 -3.61 1.39
CA LEU B 76 15.11 -2.91 2.63
C LEU B 76 14.70 -3.80 3.79
N VAL B 77 15.49 -3.77 4.85
CA VAL B 77 15.11 -4.47 6.09
C VAL B 77 14.83 -3.40 7.15
N GLY B 78 13.64 -3.40 7.68
CA GLY B 78 13.23 -2.35 8.59
C GLY B 78 12.00 -2.71 9.38
N PRO B 79 11.58 -1.80 10.28
CA PRO B 79 10.45 -2.08 11.17
C PRO B 79 9.10 -1.85 10.52
N THR B 80 8.83 -2.59 9.45
CA THR B 80 7.51 -2.66 8.88
C THR B 80 6.67 -3.70 9.59
N PRO B 81 5.39 -3.36 9.87
CA PRO B 81 4.56 -4.35 10.59
C PRO B 81 4.11 -5.52 9.72
N VAL B 82 4.24 -5.40 8.40
CA VAL B 82 3.94 -6.49 7.46
C VAL B 82 5.00 -6.42 6.37
N ASN B 83 5.58 -7.57 5.99
CA ASN B 83 6.50 -7.59 4.84
C ASN B 83 5.78 -7.11 3.60
N ILE B 84 6.43 -6.22 2.82
CA ILE B 84 5.79 -5.61 1.66
C ILE B 84 6.69 -5.66 0.44
N ILE B 85 6.10 -6.05 -0.69
CA ILE B 85 6.73 -5.97 -2.00
C ILE B 85 6.23 -4.69 -2.66
N GLY B 86 7.13 -3.75 -2.86
CA GLY B 86 6.77 -2.45 -3.41
C GLY B 86 7.01 -2.38 -4.90
N ARG B 87 6.77 -1.19 -5.44
CA ARG B 87 6.73 -1.01 -6.90
C ARG B 87 8.06 -1.29 -7.57
N ASN B 88 9.16 -1.12 -6.84
CA ASN B 88 10.47 -1.40 -7.42
C ASN B 88 10.56 -2.85 -7.92
N LEU B 89 9.89 -3.78 -7.23
CA LEU B 89 9.82 -5.16 -7.66
C LEU B 89 8.54 -5.54 -8.40
N LEU B 90 7.42 -4.90 -8.07
CA LEU B 90 6.17 -5.21 -8.79
C LEU B 90 6.33 -4.95 -10.28
N THR B 91 7.03 -3.88 -10.65
CA THR B 91 7.27 -3.60 -12.05
C THR B 91 8.06 -4.71 -12.74
N GLN B 92 8.94 -5.36 -12.01
CA GLN B 92 9.83 -6.37 -12.59
C GLN B 92 9.09 -7.65 -12.95
N ILE B 93 7.97 -7.90 -12.27
CA ILE B 93 7.18 -9.08 -12.55
C ILE B 93 5.96 -8.76 -13.40
N GLY B 94 5.90 -7.53 -13.92
CA GLY B 94 4.81 -7.16 -14.82
C GLY B 94 3.46 -6.94 -14.15
N CYS B 95 3.47 -6.59 -12.88
CA CYS B 95 2.22 -6.42 -12.13
C CYS B 95 1.55 -5.10 -12.47
N THR B 96 0.25 -5.16 -12.72
CA THR B 96 -0.58 -3.99 -12.94
C THR B 96 -1.79 -3.99 -12.01
N LEU B 97 -2.38 -2.81 -11.84
CA LEU B 97 -3.73 -2.68 -11.28
C LEU B 97 -4.72 -2.55 -12.41
N ASN B 98 -5.87 -3.18 -12.29
CA ASN B 98 -6.85 -3.18 -13.37
C ASN B 98 -8.25 -3.07 -12.80
N PHE B 99 -9.04 -2.17 -13.37
CA PHE B 99 -10.45 -2.09 -13.06
C PHE B 99 -11.19 -1.48 -14.21
N VAL C 2 -4.11 -1.40 8.87
CA VAL C 2 -2.70 -1.16 8.55
C VAL C 2 -2.65 -0.52 7.15
N VAL C 3 -1.92 0.60 7.07
CA VAL C 3 -1.70 1.30 5.81
C VAL C 3 -0.19 1.49 5.48
N ALA C 5 4.37 3.31 1.78
CA ALA C 5 5.78 3.57 2.07
C ALA C 5 6.28 4.61 1.10
#